data_3EGQ
#
_entry.id   3EGQ
#
_cell.length_a   57.550
_cell.length_b   61.040
_cell.length_c   109.940
_cell.angle_alpha   90.000
_cell.angle_beta   90.000
_cell.angle_gamma   90.000
#
_symmetry.space_group_name_H-M   'P 21 21 21'
#
loop_
_entity.id
_entity.type
_entity.pdbx_description
1 polymer 'TetR family Transcriptional regulator'
2 non-polymer 3,6,9,12,15,18,21-HEPTAOXATRICOSANE-1,23-DIOL
3 water water
#
_entity_poly.entity_id   1
_entity_poly.type   'polypeptide(L)'
_entity_poly.pdbx_seq_one_letter_code
;G(MSE)TDQSVRIIEAALRLY(MSE)KKPPHEVSIEEIAREAKVSKSLIFYHFESKQKLLEEAV(MSE)HAFRK(MSE)
(MSE)EEFNPRSVEEVVDYGIGFIAERREFIEF(MSE)(MSE)YALSQVRIEELER(MSE)FGEALEKVASLFEGCRHPR
ETAIAL(MSE)A(MSE)LDGLSIYSLYFDLGKLEKYREIA(MSE)EFVESRRVRA
;
_entity_poly.pdbx_strand_id   A,B
#
loop_
_chem_comp.id
_chem_comp.type
_chem_comp.name
_chem_comp.formula
PE8 non-polymer 3,6,9,12,15,18,21-HEPTAOXATRICOSANE-1,23-DIOL 'C16 H34 O9'
#
# COMPACT_ATOMS: atom_id res chain seq x y z
N MSE A 2 21.56 5.89 23.56
CA MSE A 2 22.87 6.37 23.02
C MSE A 2 24.01 5.36 23.27
O MSE A 2 24.74 5.06 22.32
CB MSE A 2 23.21 7.74 23.64
N THR A 3 24.14 4.83 24.51
CA THR A 3 25.22 3.86 24.93
C THR A 3 25.27 2.48 24.22
N ASP A 4 26.36 1.71 24.48
CA ASP A 4 26.58 0.33 23.94
C ASP A 4 25.45 -0.60 24.44
N GLN A 5 25.16 -0.55 25.76
CA GLN A 5 24.05 -1.33 26.42
C GLN A 5 22.68 -1.04 25.73
N SER A 6 22.44 0.23 25.37
CA SER A 6 21.21 0.65 24.67
C SER A 6 21.15 0.14 23.22
N VAL A 7 22.30 0.09 22.52
CA VAL A 7 22.36 -0.41 21.10
C VAL A 7 22.16 -1.98 21.10
N ARG A 8 22.77 -2.68 22.06
CA ARG A 8 22.67 -4.17 22.29
C ARG A 8 21.18 -4.52 22.50
N ILE A 9 20.47 -3.72 23.31
CA ILE A 9 19.02 -3.87 23.61
C ILE A 9 18.16 -3.62 22.36
N ILE A 10 18.46 -2.54 21.61
CA ILE A 10 17.74 -2.18 20.37
C ILE A 10 17.94 -3.22 19.25
N GLU A 11 19.17 -3.71 19.07
CA GLU A 11 19.50 -4.75 18.03
C GLU A 11 18.83 -6.09 18.41
N ALA A 12 18.85 -6.46 19.70
CA ALA A 12 18.19 -7.66 20.24
C ALA A 12 16.66 -7.54 20.01
N ALA A 13 16.10 -6.37 20.37
CA ALA A 13 14.67 -6.05 20.21
C ALA A 13 14.28 -6.10 18.71
N LEU A 14 15.10 -5.50 17.82
CA LEU A 14 14.92 -5.51 16.34
C LEU A 14 14.93 -6.97 15.82
N ARG A 15 15.89 -7.81 16.25
CA ARG A 15 15.95 -9.25 15.85
C ARG A 15 14.62 -10.00 16.21
N LEU A 16 14.03 -9.68 17.38
CA LEU A 16 12.74 -10.28 17.81
C LEU A 16 11.59 -9.64 17.03
N TYR A 17 11.59 -8.31 16.82
CA TYR A 17 10.52 -7.63 16.07
C TYR A 17 10.44 -8.05 14.57
N MSE A 18 11.54 -8.59 13.98
CA MSE A 18 11.57 -9.06 12.58
C MSE A 18 11.03 -10.51 12.48
O MSE A 18 10.76 -10.87 11.38
CB MSE A 18 12.94 -8.96 11.85
CG MSE A 18 13.76 -7.74 12.23
SE MSE A 18 15.05 -6.74 11.32
CE MSE A 18 13.70 -5.75 10.45
N LYS A 19 10.96 -11.30 13.56
CA LYS A 19 10.46 -12.67 13.56
C LYS A 19 8.97 -12.83 13.93
N LYS A 20 8.40 -11.94 14.78
CA LYS A 20 6.99 -11.99 15.24
C LYS A 20 6.36 -10.58 15.37
N PRO A 21 5.00 -10.45 15.58
CA PRO A 21 4.36 -9.12 15.72
C PRO A 21 5.00 -8.30 16.83
N PRO A 22 5.49 -7.06 16.54
CA PRO A 22 6.15 -6.18 17.52
C PRO A 22 5.54 -6.10 18.90
N HIS A 23 4.23 -5.82 18.97
CA HIS A 23 3.45 -5.72 20.27
C HIS A 23 3.41 -6.99 21.10
N GLU A 24 3.59 -8.13 20.43
CA GLU A 24 3.60 -9.47 21.03
C GLU A 24 5.02 -9.87 21.60
N VAL A 25 6.07 -9.04 21.44
CA VAL A 25 7.43 -9.28 21.99
C VAL A 25 7.46 -8.59 23.39
N SER A 26 7.88 -9.34 24.41
CA SER A 26 7.95 -8.88 25.82
C SER A 26 9.34 -8.40 26.27
N ILE A 27 9.36 -7.62 27.38
CA ILE A 27 10.61 -7.10 28.01
C ILE A 27 11.51 -8.29 28.41
N GLU A 28 10.89 -9.40 28.90
CA GLU A 28 11.56 -10.67 29.27
C GLU A 28 12.29 -11.30 28.05
N GLU A 29 11.62 -11.39 26.90
CA GLU A 29 12.23 -11.95 25.64
C GLU A 29 13.40 -11.10 25.09
N ILE A 30 13.28 -9.77 25.19
CA ILE A 30 14.34 -8.83 24.75
C ILE A 30 15.54 -8.98 25.70
N ALA A 31 15.29 -9.08 27.02
CA ALA A 31 16.33 -9.30 28.08
C ALA A 31 17.15 -10.58 27.78
N ARG A 32 16.41 -11.68 27.53
CA ARG A 32 16.96 -13.02 27.19
C ARG A 32 17.78 -12.95 25.89
N GLU A 33 17.21 -12.31 24.86
CA GLU A 33 17.88 -12.11 23.54
C GLU A 33 19.11 -11.20 23.62
N ALA A 34 19.04 -10.13 24.42
CA ALA A 34 20.17 -9.20 24.61
C ALA A 34 21.26 -9.70 25.63
N LYS A 35 20.96 -10.73 26.44
CA LYS A 35 21.85 -11.31 27.49
C LYS A 35 22.08 -10.24 28.60
N VAL A 36 20.96 -9.69 29.10
CA VAL A 36 20.87 -8.61 30.08
C VAL A 36 19.62 -8.75 30.97
N SER A 37 19.63 -8.13 32.15
CA SER A 37 18.49 -8.17 33.08
C SER A 37 17.40 -7.19 32.63
N LYS A 38 16.15 -7.44 33.08
CA LYS A 38 14.96 -6.54 32.86
C LYS A 38 15.33 -5.16 33.54
N SER A 39 16.07 -5.24 34.69
CA SER A 39 16.65 -4.14 35.45
C SER A 39 17.45 -3.19 34.52
N LEU A 40 18.32 -3.76 33.66
CA LEU A 40 19.12 -2.94 32.69
C LEU A 40 18.24 -2.43 31.52
N ILE A 41 17.18 -3.17 31.11
CA ILE A 41 16.25 -2.71 30.02
C ILE A 41 15.46 -1.49 30.55
N PHE A 42 14.80 -1.66 31.72
CA PHE A 42 14.03 -0.56 32.37
C PHE A 42 14.87 0.63 32.83
N TYR A 43 16.18 0.43 33.04
CA TYR A 43 17.11 1.51 33.41
C TYR A 43 17.39 2.40 32.15
N HIS A 44 17.22 1.89 30.92
CA HIS A 44 17.41 2.63 29.65
C HIS A 44 16.16 2.98 28.88
N PHE A 45 15.05 2.26 29.09
CA PHE A 45 13.76 2.49 28.37
C PHE A 45 12.56 2.49 29.33
N GLU A 46 11.68 3.46 29.16
CA GLU A 46 10.42 3.67 29.95
C GLU A 46 9.45 2.47 29.86
N SER A 47 9.26 1.97 28.63
CA SER A 47 8.36 0.84 28.36
C SER A 47 8.66 0.11 27.03
N LYS A 48 7.90 -0.97 26.76
CA LYS A 48 7.98 -1.76 25.48
C LYS A 48 7.72 -0.86 24.28
N GLN A 49 6.75 0.05 24.38
CA GLN A 49 6.40 0.99 23.30
C GLN A 49 7.51 2.02 22.99
N LYS A 50 8.13 2.58 24.05
CA LYS A 50 9.24 3.56 23.91
C LYS A 50 10.43 2.84 23.20
N LEU A 51 10.74 1.62 23.64
CA LEU A 51 11.82 0.77 23.01
C LEU A 51 11.51 0.45 21.54
N LEU A 52 10.24 0.18 21.23
CA LEU A 52 9.77 -0.12 19.87
C LEU A 52 9.95 1.08 18.95
N GLU A 53 9.58 2.28 19.42
CA GLU A 53 9.76 3.57 18.67
C GLU A 53 11.22 3.87 18.38
N GLU A 54 12.07 3.73 19.39
CA GLU A 54 13.53 3.96 19.28
C GLU A 54 14.18 2.95 18.33
N ALA A 55 13.74 1.69 18.40
CA ALA A 55 14.19 0.59 17.52
C ALA A 55 13.80 0.88 16.05
N VAL A 56 12.56 1.35 15.83
CA VAL A 56 11.99 1.74 14.51
C VAL A 56 12.83 2.88 13.88
N MSE A 57 13.10 3.94 14.68
CA MSE A 57 13.94 5.09 14.24
C MSE A 57 15.36 4.65 13.88
O MSE A 57 15.89 5.12 12.86
CB MSE A 57 14.05 6.24 15.26
CG MSE A 57 12.79 7.05 15.64
SE MSE A 57 11.63 7.69 14.17
CE MSE A 57 10.73 6.04 13.79
N HIS A 58 15.94 3.77 14.70
CA HIS A 58 17.29 3.20 14.48
C HIS A 58 17.33 2.39 13.16
N ALA A 59 16.29 1.57 12.92
CA ALA A 59 16.14 0.75 11.69
C ALA A 59 16.15 1.64 10.46
N PHE A 60 15.26 2.65 10.48
CA PHE A 60 15.15 3.65 9.40
C PHE A 60 16.38 4.53 9.19
N ARG A 61 17.06 4.95 10.26
CA ARG A 61 18.30 5.78 10.22
C ARG A 61 19.38 5.01 9.47
N LYS A 62 19.59 3.73 9.83
CA LYS A 62 20.55 2.78 9.18
C LYS A 62 20.17 2.56 7.69
N MSE A 63 18.86 2.38 7.42
CA MSE A 63 18.27 2.17 6.05
C MSE A 63 18.58 3.30 5.04
O MSE A 63 19.01 3.00 3.91
CB MSE A 63 16.71 1.90 6.13
CG MSE A 63 15.89 2.00 4.82
SE MSE A 63 14.03 1.43 4.88
CE MSE A 63 14.36 -0.62 5.05
N MSE A 64 18.36 4.55 5.46
CA MSE A 64 18.59 5.74 4.62
C MSE A 64 20.08 5.99 4.34
O MSE A 64 20.45 6.29 3.19
CB MSE A 64 17.93 7.02 5.17
CG MSE A 64 16.41 7.02 5.36
SE MSE A 64 15.33 6.38 3.87
CE MSE A 64 16.03 7.62 2.52
N GLU A 65 20.91 5.88 5.39
CA GLU A 65 22.37 6.08 5.27
C GLU A 65 23.03 4.96 4.40
N GLU A 66 22.39 3.77 4.27
CA GLU A 66 22.89 2.67 3.43
C GLU A 66 22.13 2.56 2.05
N PHE A 67 21.33 3.57 1.65
CA PHE A 67 20.59 3.63 0.36
C PHE A 67 21.24 4.73 -0.49
N ASN A 68 22.31 4.35 -1.19
CA ASN A 68 23.07 5.25 -2.08
C ASN A 68 23.27 4.52 -3.44
N PRO A 69 22.17 4.34 -4.22
CA PRO A 69 22.27 3.65 -5.52
C PRO A 69 23.06 4.47 -6.55
N ARG A 70 24.14 3.87 -7.03
CA ARG A 70 25.05 4.46 -8.05
C ARG A 70 24.53 4.32 -9.51
N SER A 71 23.45 3.55 -9.71
CA SER A 71 22.78 3.32 -10.99
C SER A 71 21.27 3.05 -10.83
N VAL A 72 20.50 3.26 -11.92
CA VAL A 72 19.04 2.97 -11.97
C VAL A 72 18.84 1.44 -11.74
N GLU A 73 19.77 0.63 -12.29
CA GLU A 73 19.79 -0.85 -12.12
C GLU A 73 19.89 -1.27 -10.62
N GLU A 74 20.72 -0.55 -9.85
CA GLU A 74 20.86 -0.80 -8.39
C GLU A 74 19.57 -0.46 -7.59
N VAL A 75 18.75 0.49 -8.10
CA VAL A 75 17.47 0.88 -7.49
C VAL A 75 16.52 -0.30 -7.68
N VAL A 76 16.50 -0.90 -8.89
CA VAL A 76 15.66 -2.09 -9.21
C VAL A 76 16.11 -3.28 -8.31
N ASP A 77 17.44 -3.54 -8.25
CA ASP A 77 18.03 -4.62 -7.37
C ASP A 77 17.69 -4.46 -5.88
N TYR A 78 17.68 -3.21 -5.40
CA TYR A 78 17.33 -2.89 -4.01
C TYR A 78 15.84 -3.24 -3.75
N GLY A 79 14.95 -2.83 -4.65
CA GLY A 79 13.50 -3.10 -4.56
C GLY A 79 13.17 -4.58 -4.60
N ILE A 80 13.76 -5.31 -5.58
CA ILE A 80 13.58 -6.78 -5.72
C ILE A 80 14.17 -7.50 -4.48
N GLY A 81 15.33 -7.01 -3.98
CA GLY A 81 15.98 -7.53 -2.79
C GLY A 81 15.08 -7.49 -1.56
N PHE A 82 14.31 -6.39 -1.40
CA PHE A 82 13.35 -6.23 -0.30
C PHE A 82 12.17 -7.21 -0.43
N ILE A 83 11.61 -7.37 -1.64
CA ILE A 83 10.48 -8.32 -1.91
C ILE A 83 10.94 -9.78 -1.59
N ALA A 84 12.20 -10.11 -1.92
CA ALA A 84 12.81 -11.43 -1.64
C ALA A 84 13.06 -11.72 -0.14
N GLU A 85 12.94 -10.71 0.75
CA GLU A 85 13.10 -10.88 2.23
C GLU A 85 11.99 -11.75 2.79
N ARG A 86 12.21 -12.25 4.02
CA ARG A 86 11.25 -13.11 4.74
C ARG A 86 10.00 -12.25 5.08
N ARG A 87 8.82 -12.79 4.86
CA ARG A 87 7.49 -12.15 5.14
C ARG A 87 7.42 -11.21 6.37
N GLU A 88 7.89 -11.76 7.48
CA GLU A 88 7.91 -11.07 8.78
C GLU A 88 8.83 -9.84 8.79
N PHE A 89 9.91 -9.84 7.98
CA PHE A 89 10.82 -8.67 7.81
C PHE A 89 10.00 -7.54 7.14
N ILE A 90 9.34 -7.88 6.02
CA ILE A 90 8.51 -6.97 5.23
C ILE A 90 7.37 -6.38 6.09
N GLU A 91 6.69 -7.26 6.85
CA GLU A 91 5.58 -6.84 7.78
C GLU A 91 6.02 -5.92 8.89
N PHE A 92 7.25 -6.15 9.41
CA PHE A 92 7.83 -5.29 10.45
C PHE A 92 8.10 -3.91 9.84
N MSE A 93 8.76 -3.87 8.68
CA MSE A 93 9.01 -2.58 7.99
C MSE A 93 7.70 -1.80 7.68
O MSE A 93 7.66 -0.59 7.90
CB MSE A 93 9.89 -2.72 6.74
CG MSE A 93 11.33 -3.23 7.05
SE MSE A 93 12.31 -2.19 8.42
CE MSE A 93 12.18 -0.50 7.53
N MSE A 94 6.64 -2.53 7.33
CA MSE A 94 5.30 -1.98 7.03
C MSE A 94 4.73 -1.29 8.30
O MSE A 94 4.27 -0.15 8.23
CB MSE A 94 4.30 -3.06 6.54
CG MSE A 94 3.43 -2.52 5.43
SE MSE A 94 4.53 -2.57 3.81
CE MSE A 94 4.29 -4.38 3.47
N TYR A 95 4.77 -2.04 9.42
CA TYR A 95 4.34 -1.55 10.73
C TYR A 95 5.22 -0.36 11.14
N ALA A 96 6.55 -0.45 10.96
CA ALA A 96 7.54 0.64 11.29
C ALA A 96 7.12 2.00 10.71
N LEU A 97 6.67 1.98 9.43
CA LEU A 97 6.16 3.19 8.72
C LEU A 97 4.94 3.81 9.43
N SER A 98 4.08 2.99 10.06
CA SER A 98 2.92 3.49 10.84
C SER A 98 3.39 4.11 12.18
N GLN A 99 4.48 3.63 12.80
CA GLN A 99 5.02 4.21 14.07
C GLN A 99 5.96 5.47 13.94
N VAL A 100 6.04 6.08 12.73
CA VAL A 100 6.86 7.30 12.47
C VAL A 100 5.93 8.51 12.30
N ARG A 101 6.46 9.72 12.61
CA ARG A 101 5.71 10.99 12.41
C ARG A 101 5.65 11.20 10.87
N ILE A 102 4.49 11.68 10.38
CA ILE A 102 4.26 11.95 8.92
C ILE A 102 5.33 12.85 8.28
N GLU A 103 5.84 13.84 9.02
CA GLU A 103 6.92 14.76 8.58
C GLU A 103 8.23 13.98 8.37
N GLU A 104 8.58 13.07 9.31
CA GLU A 104 9.78 12.21 9.23
C GLU A 104 9.67 11.23 8.02
N LEU A 105 8.46 10.72 7.75
CA LEU A 105 8.17 9.84 6.58
C LEU A 105 8.33 10.63 5.25
N GLU A 106 7.78 11.86 5.21
CA GLU A 106 7.90 12.77 4.02
C GLU A 106 9.38 13.20 3.76
N ARG A 107 10.19 13.38 4.83
CA ARG A 107 11.64 13.74 4.72
C ARG A 107 12.40 12.56 4.07
N MSE A 108 12.20 11.34 4.59
CA MSE A 108 12.84 10.08 4.07
C MSE A 108 12.54 9.83 2.60
O MSE A 108 13.46 9.53 1.85
CB MSE A 108 12.42 8.83 4.84
CG MSE A 108 13.02 8.70 6.23
SE MSE A 108 12.24 7.14 7.16
CE MSE A 108 12.50 5.67 5.83
N PHE A 109 11.26 9.94 2.23
CA PHE A 109 10.81 9.75 0.83
C PHE A 109 11.45 10.79 -0.12
N GLY A 110 11.55 12.05 0.34
CA GLY A 110 12.18 13.15 -0.38
C GLY A 110 13.65 12.90 -0.65
N GLU A 111 14.40 12.45 0.38
CA GLU A 111 15.85 12.15 0.21
C GLU A 111 16.05 10.89 -0.67
N ALA A 112 15.14 9.89 -0.60
CA ALA A 112 15.21 8.67 -1.47
C ALA A 112 14.91 9.08 -2.94
N LEU A 113 13.80 9.84 -3.14
CA LEU A 113 13.36 10.37 -4.45
C LEU A 113 14.43 11.25 -5.11
N GLU A 114 15.09 12.13 -4.32
CA GLU A 114 16.19 13.01 -4.81
C GLU A 114 17.31 12.18 -5.43
N LYS A 115 17.68 11.08 -4.75
CA LYS A 115 18.72 10.15 -5.25
C LYS A 115 18.26 9.38 -6.50
N VAL A 116 17.01 8.87 -6.50
CA VAL A 116 16.47 8.10 -7.65
C VAL A 116 16.26 9.02 -8.87
N ALA A 117 15.64 10.20 -8.66
CA ALA A 117 15.41 11.22 -9.74
C ALA A 117 16.74 11.69 -10.36
N SER A 118 17.79 11.83 -9.53
CA SER A 118 19.16 12.23 -10.00
C SER A 118 19.73 11.18 -10.98
N LEU A 119 19.48 9.88 -10.71
CA LEU A 119 19.91 8.75 -11.60
C LEU A 119 19.25 8.81 -13.01
N PHE A 120 18.05 9.40 -13.16
CA PHE A 120 17.34 9.56 -14.46
C PHE A 120 17.65 10.92 -15.16
N GLU A 121 18.69 11.69 -14.73
CA GLU A 121 19.08 13.00 -15.31
C GLU A 121 19.45 12.74 -16.77
N GLY A 122 18.46 12.96 -17.63
CA GLY A 122 18.55 12.72 -19.09
C GLY A 122 17.21 12.40 -19.77
N CYS A 123 16.34 11.63 -19.10
CA CYS A 123 14.99 11.26 -19.60
C CYS A 123 14.05 12.47 -19.63
N ARG A 124 12.90 12.31 -20.30
CA ARG A 124 11.88 13.39 -20.47
C ARG A 124 11.28 13.94 -19.14
N HIS A 125 10.97 13.04 -18.20
CA HIS A 125 10.36 13.36 -16.89
C HIS A 125 11.10 12.62 -15.72
N PRO A 126 12.27 13.16 -15.26
CA PRO A 126 13.07 12.51 -14.17
C PRO A 126 12.37 12.21 -12.83
N ARG A 127 11.76 13.22 -12.19
CA ARG A 127 11.02 13.14 -10.88
C ARG A 127 9.82 12.16 -10.95
N GLU A 128 9.01 12.29 -12.01
CA GLU A 128 7.79 11.45 -12.22
C GLU A 128 8.16 9.97 -12.57
N THR A 129 9.22 9.78 -13.38
CA THR A 129 9.73 8.42 -13.74
C THR A 129 10.23 7.71 -12.47
N ALA A 130 11.00 8.44 -11.65
CA ALA A 130 11.54 7.96 -10.36
C ALA A 130 10.37 7.51 -9.47
N ILE A 131 9.35 8.37 -9.32
CA ILE A 131 8.12 8.10 -8.49
C ILE A 131 7.37 6.85 -9.03
N ALA A 132 7.19 6.77 -10.35
CA ALA A 132 6.54 5.62 -11.06
C ALA A 132 7.27 4.28 -10.78
N LEU A 133 8.61 4.29 -10.83
CA LEU A 133 9.46 3.08 -10.55
C LEU A 133 9.33 2.64 -9.07
N MSE A 134 9.45 3.60 -8.15
CA MSE A 134 9.34 3.36 -6.68
C MSE A 134 7.93 2.81 -6.35
O MSE A 134 7.84 1.82 -5.59
CB MSE A 134 9.69 4.62 -5.88
CG MSE A 134 11.17 5.11 -6.08
SE MSE A 134 11.53 6.96 -5.49
CE MSE A 134 11.27 6.69 -3.58
N ALA A 135 6.89 3.43 -6.94
CA ALA A 135 5.45 3.03 -6.79
C ALA A 135 5.25 1.54 -7.20
N MSE A 136 5.89 1.13 -8.29
CA MSE A 136 5.85 -0.26 -8.79
C MSE A 136 6.53 -1.22 -7.79
O MSE A 136 5.92 -2.24 -7.42
CB MSE A 136 6.54 -0.41 -10.19
CG MSE A 136 6.46 -1.82 -10.83
SE MSE A 136 7.35 -1.97 -12.53
CE MSE A 136 9.14 -1.52 -12.05
N LEU A 137 7.76 -0.86 -7.37
CA LEU A 137 8.54 -1.67 -6.39
C LEU A 137 7.81 -1.84 -5.04
N ASP A 138 7.27 -0.75 -4.51
CA ASP A 138 6.45 -0.72 -3.27
C ASP A 138 5.14 -1.46 -3.39
N GLY A 139 4.47 -1.30 -4.53
CA GLY A 139 3.23 -1.97 -4.87
C GLY A 139 3.43 -3.47 -4.88
N LEU A 140 4.51 -3.92 -5.55
CA LEU A 140 4.88 -5.35 -5.62
C LEU A 140 5.18 -5.92 -4.23
N SER A 141 5.83 -5.14 -3.35
CA SER A 141 6.13 -5.61 -1.96
C SER A 141 4.83 -5.80 -1.13
N ILE A 142 3.83 -4.91 -1.30
CA ILE A 142 2.51 -5.02 -0.61
C ILE A 142 1.83 -6.27 -1.17
N TYR A 143 1.76 -6.40 -2.50
CA TYR A 143 1.20 -7.59 -3.21
C TYR A 143 1.81 -8.92 -2.76
N SER A 144 3.14 -8.95 -2.56
CA SER A 144 3.89 -10.18 -2.11
C SER A 144 3.35 -10.74 -0.78
N LEU A 145 2.83 -9.86 0.08
CA LEU A 145 2.18 -10.23 1.33
C LEU A 145 0.83 -10.90 1.07
N TYR A 146 0.12 -10.62 -0.02
CA TYR A 146 -1.19 -11.27 -0.31
C TYR A 146 -1.04 -12.54 -1.18
N PHE A 147 0.02 -12.67 -2.00
CA PHE A 147 0.23 -13.85 -2.90
C PHE A 147 1.66 -14.14 -3.38
N ASP A 148 1.83 -15.36 -3.95
CA ASP A 148 3.10 -15.87 -4.52
C ASP A 148 3.19 -15.16 -5.84
N LEU A 149 3.99 -14.09 -5.90
CA LEU A 149 4.23 -13.31 -7.14
C LEU A 149 4.90 -14.19 -8.21
N GLY A 150 5.77 -15.13 -7.79
CA GLY A 150 6.48 -16.11 -8.64
C GLY A 150 7.99 -15.99 -8.59
N LYS A 151 8.63 -16.17 -9.75
CA LYS A 151 10.09 -16.07 -9.91
C LYS A 151 10.35 -14.56 -9.94
N LEU A 152 10.92 -14.03 -8.85
CA LEU A 152 11.24 -12.58 -8.70
C LEU A 152 12.10 -11.95 -9.83
N GLU A 153 12.93 -12.79 -10.49
CA GLU A 153 13.78 -12.38 -11.62
C GLU A 153 12.92 -11.87 -12.81
N LYS A 154 11.70 -12.43 -13.02
CA LYS A 154 10.71 -11.99 -14.05
C LYS A 154 10.32 -10.53 -13.79
N TYR A 155 10.13 -10.17 -12.51
CA TYR A 155 9.81 -8.78 -12.10
C TYR A 155 11.04 -7.87 -12.25
N ARG A 156 12.26 -8.41 -12.05
CA ARG A 156 13.52 -7.65 -12.25
C ARG A 156 13.64 -7.33 -13.75
N GLU A 157 13.41 -8.32 -14.64
CA GLU A 157 13.43 -8.14 -16.12
C GLU A 157 12.43 -7.05 -16.56
N ILE A 158 11.18 -7.14 -16.06
CA ILE A 158 10.08 -6.15 -16.35
C ILE A 158 10.47 -4.72 -15.89
N ALA A 159 11.01 -4.61 -14.67
CA ALA A 159 11.49 -3.33 -14.10
C ALA A 159 12.65 -2.73 -14.91
N MSE A 160 13.56 -3.58 -15.44
CA MSE A 160 14.68 -3.11 -16.32
C MSE A 160 14.18 -2.71 -17.69
O MSE A 160 14.71 -1.75 -18.26
CB MSE A 160 15.81 -4.10 -16.42
CG MSE A 160 16.54 -4.26 -15.15
SE MSE A 160 17.23 -2.61 -14.46
CE MSE A 160 18.13 -3.65 -12.94
N GLU A 161 13.23 -3.49 -18.24
CA GLU A 161 12.54 -3.19 -19.54
C GLU A 161 11.83 -1.82 -19.47
N PHE A 162 11.24 -1.52 -18.30
CA PHE A 162 10.57 -0.23 -17.99
C PHE A 162 11.62 0.90 -18.01
N VAL A 163 12.79 0.68 -17.39
CA VAL A 163 13.91 1.67 -17.39
C VAL A 163 14.39 1.88 -18.87
N GLU A 164 14.53 0.77 -19.63
CA GLU A 164 14.93 0.80 -21.08
C GLU A 164 13.87 1.56 -21.95
N SER A 165 12.58 1.52 -21.57
CA SER A 165 11.46 2.19 -22.28
C SER A 165 11.25 3.66 -21.78
N ARG A 166 12.31 4.48 -21.88
CA ARG A 166 12.33 5.91 -21.44
C ARG A 166 13.04 6.81 -22.46
N MSE B 2 -32.15 -6.79 -4.34
CA MSE B 2 -32.61 -6.24 -3.02
C MSE B 2 -33.80 -5.25 -3.10
O MSE B 2 -34.18 -4.81 -4.18
CB MSE B 2 -31.46 -5.57 -2.29
CG MSE B 2 -30.74 -4.51 -3.07
SE MSE B 2 -29.70 -3.37 -1.91
CE MSE B 2 -28.77 -2.42 -3.36
N THR B 3 -34.35 -4.94 -1.93
CA THR B 3 -35.48 -4.01 -1.76
C THR B 3 -35.08 -2.52 -2.05
N ASP B 4 -36.04 -1.77 -2.62
CA ASP B 4 -35.93 -0.31 -2.98
C ASP B 4 -35.42 0.56 -1.80
N GLN B 5 -35.92 0.22 -0.60
CA GLN B 5 -35.57 0.85 0.67
C GLN B 5 -34.10 0.54 1.03
N SER B 6 -33.70 -0.74 1.00
CA SER B 6 -32.32 -1.19 1.33
C SER B 6 -31.25 -0.54 0.37
N VAL B 7 -31.60 -0.42 -0.93
CA VAL B 7 -30.77 0.22 -1.99
C VAL B 7 -30.51 1.67 -1.63
N ARG B 8 -31.60 2.40 -1.36
CA ARG B 8 -31.56 3.85 -0.95
C ARG B 8 -30.70 4.12 0.30
N ILE B 9 -30.81 3.23 1.29
CA ILE B 9 -30.05 3.27 2.55
C ILE B 9 -28.53 3.06 2.24
N ILE B 10 -28.23 2.06 1.41
CA ILE B 10 -26.84 1.76 0.97
C ILE B 10 -26.23 2.93 0.18
N GLU B 11 -26.98 3.46 -0.79
CA GLU B 11 -26.52 4.61 -1.61
C GLU B 11 -26.33 5.85 -0.76
N ALA B 12 -27.27 6.12 0.16
CA ALA B 12 -27.15 7.27 1.10
C ALA B 12 -25.89 7.09 2.00
N ALA B 13 -25.69 5.86 2.52
CA ALA B 13 -24.53 5.51 3.35
C ALA B 13 -23.23 5.72 2.57
N LEU B 14 -23.13 5.12 1.37
CA LEU B 14 -21.93 5.26 0.46
C LEU B 14 -21.57 6.73 0.18
N ARG B 15 -22.60 7.51 -0.07
CA ARG B 15 -22.52 8.98 -0.33
C ARG B 15 -21.89 9.71 0.90
N LEU B 16 -22.26 9.28 2.14
CA LEU B 16 -21.69 9.83 3.43
C LEU B 16 -20.29 9.23 3.70
N TYR B 17 -20.08 7.93 3.42
CA TYR B 17 -18.75 7.27 3.61
C TYR B 17 -17.67 7.86 2.66
N MSE B 18 -18.12 8.36 1.50
CA MSE B 18 -17.28 9.01 0.48
C MSE B 18 -16.71 10.31 1.05
O MSE B 18 -15.63 10.64 0.68
CB MSE B 18 -18.07 9.52 -0.76
CG MSE B 18 -17.29 9.37 -2.04
SE MSE B 18 -17.81 7.61 -2.76
CE MSE B 18 -19.74 7.98 -3.50
N LYS B 19 -17.51 11.07 1.82
CA LYS B 19 -17.12 12.37 2.43
C LYS B 19 -16.32 12.39 3.71
N LYS B 20 -16.63 11.46 4.62
CA LYS B 20 -16.08 11.36 6.00
C LYS B 20 -15.64 9.94 6.38
N PRO B 21 -14.78 9.74 7.44
CA PRO B 21 -14.35 8.38 7.88
C PRO B 21 -15.58 7.48 8.20
N PRO B 22 -15.71 6.29 7.53
CA PRO B 22 -16.90 5.41 7.72
C PRO B 22 -17.46 5.19 9.13
N HIS B 23 -16.56 4.95 10.10
CA HIS B 23 -16.97 4.78 11.51
C HIS B 23 -17.61 6.03 12.14
N GLU B 24 -17.20 7.22 11.68
CA GLU B 24 -17.75 8.51 12.18
C GLU B 24 -19.18 8.84 11.64
N VAL B 25 -19.70 8.08 10.65
CA VAL B 25 -21.04 8.28 10.08
C VAL B 25 -22.04 7.56 10.99
N SER B 26 -23.06 8.28 11.47
CA SER B 26 -24.11 7.71 12.36
C SER B 26 -25.33 7.25 11.56
N ILE B 27 -26.22 6.51 12.24
CA ILE B 27 -27.51 6.03 11.69
C ILE B 27 -28.44 7.26 11.44
N GLU B 28 -28.42 8.29 12.31
CA GLU B 28 -29.21 9.55 12.16
C GLU B 28 -28.84 10.27 10.83
N GLU B 29 -27.54 10.34 10.54
CA GLU B 29 -26.99 10.95 9.28
C GLU B 29 -27.42 10.19 8.03
N ILE B 30 -27.36 8.86 8.10
CA ILE B 30 -27.78 7.95 7.01
C ILE B 30 -29.30 8.07 6.79
N ALA B 31 -30.07 8.13 7.87
CA ALA B 31 -31.56 8.32 7.84
C ALA B 31 -31.94 9.65 7.15
N ARG B 32 -31.24 10.74 7.55
CA ARG B 32 -31.39 12.11 7.01
C ARG B 32 -31.04 12.13 5.52
N GLU B 33 -29.90 11.53 5.15
CA GLU B 33 -29.44 11.45 3.75
C GLU B 33 -30.35 10.52 2.91
N ALA B 34 -30.80 9.39 3.44
CA ALA B 34 -31.73 8.46 2.70
C ALA B 34 -33.20 8.93 2.64
N LYS B 35 -33.58 9.94 3.45
CA LYS B 35 -34.97 10.52 3.61
C LYS B 35 -35.93 9.44 4.14
N VAL B 36 -35.45 8.73 5.17
CA VAL B 36 -36.17 7.62 5.88
C VAL B 36 -35.87 7.65 7.39
N SER B 37 -36.72 6.97 8.17
CA SER B 37 -36.57 6.90 9.64
C SER B 37 -35.44 5.96 10.09
N LYS B 38 -34.99 6.16 11.33
CA LYS B 38 -33.97 5.29 11.96
C LYS B 38 -34.52 3.85 12.16
N SER B 39 -35.81 3.69 12.49
CA SER B 39 -36.47 2.35 12.68
C SER B 39 -36.43 1.49 11.39
N LEU B 40 -36.57 2.14 10.23
CA LEU B 40 -36.52 1.45 8.91
C LEU B 40 -35.08 0.97 8.59
N ILE B 41 -34.06 1.77 8.92
CA ILE B 41 -32.63 1.36 8.71
C ILE B 41 -32.36 0.09 9.56
N PHE B 42 -32.77 0.14 10.83
CA PHE B 42 -32.62 -0.99 11.79
C PHE B 42 -33.33 -2.25 11.28
N TYR B 43 -34.53 -2.11 10.68
CA TYR B 43 -35.29 -3.21 10.09
C TYR B 43 -34.53 -3.93 8.93
N HIS B 44 -33.65 -3.23 8.21
CA HIS B 44 -32.84 -3.81 7.11
C HIS B 44 -31.42 -4.15 7.49
N PHE B 45 -30.85 -3.43 8.47
CA PHE B 45 -29.46 -3.62 8.91
C PHE B 45 -29.31 -3.64 10.46
N GLU B 46 -28.74 -4.73 10.96
CA GLU B 46 -28.43 -5.06 12.41
C GLU B 46 -27.64 -3.97 13.21
N SER B 47 -26.81 -3.17 12.54
CA SER B 47 -25.97 -2.09 13.13
C SER B 47 -25.23 -1.25 12.08
N LYS B 48 -24.55 -0.16 12.51
CA LYS B 48 -23.69 0.70 11.65
C LYS B 48 -22.66 -0.16 10.88
N GLN B 49 -22.04 -1.11 11.60
CA GLN B 49 -21.01 -2.00 11.01
C GLN B 49 -21.56 -2.96 9.99
N LYS B 50 -22.74 -3.53 10.28
CA LYS B 50 -23.36 -4.50 9.36
C LYS B 50 -23.71 -3.73 8.05
N LEU B 51 -24.28 -2.51 8.17
CA LEU B 51 -24.62 -1.64 7.01
C LEU B 51 -23.37 -1.27 6.19
N LEU B 52 -22.26 -0.96 6.89
CA LEU B 52 -20.97 -0.63 6.25
C LEU B 52 -20.44 -1.79 5.40
N GLU B 53 -20.46 -3.00 5.97
CA GLU B 53 -20.02 -4.24 5.26
C GLU B 53 -20.84 -4.48 4.00
N GLU B 54 -22.18 -4.38 4.15
CA GLU B 54 -23.11 -4.55 3.01
C GLU B 54 -22.90 -3.45 1.93
N ALA B 55 -22.66 -2.22 2.36
CA ALA B 55 -22.37 -1.08 1.46
C ALA B 55 -21.03 -1.32 0.74
N VAL B 56 -19.98 -1.77 1.47
CA VAL B 56 -18.65 -2.09 0.90
C VAL B 56 -18.78 -3.20 -0.18
N MSE B 57 -19.40 -4.34 0.18
CA MSE B 57 -19.60 -5.45 -0.78
C MSE B 57 -20.44 -5.02 -2.03
O MSE B 57 -20.13 -5.45 -3.15
CB MSE B 57 -20.09 -6.75 -0.13
CG MSE B 57 -18.99 -7.41 0.77
N HIS B 58 -21.42 -4.11 -1.82
CA HIS B 58 -22.26 -3.54 -2.91
C HIS B 58 -21.42 -2.65 -3.83
N ALA B 59 -20.55 -1.78 -3.25
CA ALA B 59 -19.65 -0.88 -4.03
C ALA B 59 -18.69 -1.74 -4.87
N PHE B 60 -18.04 -2.72 -4.23
CA PHE B 60 -17.12 -3.63 -4.93
C PHE B 60 -17.81 -4.52 -5.98
N ARG B 61 -19.03 -5.01 -5.71
CA ARG B 61 -19.81 -5.85 -6.67
C ARG B 61 -20.05 -5.05 -7.98
N LYS B 62 -20.52 -3.80 -7.83
CA LYS B 62 -20.72 -2.88 -9.00
C LYS B 62 -19.41 -2.49 -9.72
N MSE B 63 -18.31 -2.38 -8.99
N MSE B 63 -18.31 -2.33 -8.97
CA MSE B 63 -17.00 -1.98 -9.54
CA MSE B 63 -16.95 -2.03 -9.52
C MSE B 63 -16.35 -3.09 -10.40
C MSE B 63 -16.44 -3.11 -10.47
O MSE B 63 -15.78 -2.77 -11.44
O MSE B 63 -16.03 -2.80 -11.59
CB MSE B 63 -16.18 -1.41 -8.39
CB MSE B 63 -15.87 -1.83 -8.38
CG MSE B 63 -14.92 -0.69 -8.70
CG MSE B 63 -14.33 -1.96 -8.77
SE MSE B 63 -14.43 0.16 -7.01
SE MSE B 63 -13.03 -1.73 -7.40
CE MSE B 63 -15.85 1.59 -6.77
CE MSE B 63 -11.53 -2.42 -8.41
N MSE B 64 -16.45 -4.36 -9.98
CA MSE B 64 -15.95 -5.55 -10.74
C MSE B 64 -16.78 -5.79 -12.01
O MSE B 64 -16.20 -6.06 -13.07
CB MSE B 64 -15.92 -6.85 -9.92
CG MSE B 64 -15.02 -6.82 -8.70
SE MSE B 64 -13.18 -6.28 -9.07
CE MSE B 64 -12.73 -7.74 -10.40
N GLU B 65 -18.12 -5.69 -11.87
CA GLU B 65 -19.07 -5.79 -13.01
C GLU B 65 -18.83 -4.71 -14.08
N GLU B 66 -18.37 -3.52 -13.65
CA GLU B 66 -18.09 -2.34 -14.49
C GLU B 66 -16.58 -2.22 -14.95
N PHE B 67 -15.72 -3.23 -14.68
CA PHE B 67 -14.26 -3.28 -15.06
C PHE B 67 -14.08 -4.35 -16.14
N ASN B 68 -14.28 -3.93 -17.39
CA ASN B 68 -14.14 -4.77 -18.60
C ASN B 68 -13.27 -4.00 -19.62
N PRO B 69 -11.95 -3.86 -19.35
CA PRO B 69 -11.07 -3.11 -20.27
C PRO B 69 -10.88 -3.82 -21.61
N ARG B 70 -11.31 -3.18 -22.70
CA ARG B 70 -11.17 -3.72 -24.08
C ARG B 70 -9.72 -3.60 -24.61
N SER B 71 -8.85 -2.79 -23.97
CA SER B 71 -7.42 -2.60 -24.34
C SER B 71 -6.52 -2.31 -23.10
N VAL B 72 -5.21 -2.48 -23.32
CA VAL B 72 -4.16 -2.23 -22.29
C VAL B 72 -4.12 -0.71 -21.89
N GLU B 73 -4.40 0.17 -22.87
CA GLU B 73 -4.47 1.62 -22.73
C GLU B 73 -5.66 2.02 -21.81
N GLU B 74 -6.78 1.31 -21.95
CA GLU B 74 -8.02 1.48 -21.14
C GLU B 74 -7.77 1.05 -19.64
N VAL B 75 -6.78 0.17 -19.37
CA VAL B 75 -6.38 -0.24 -18.00
C VAL B 75 -5.58 0.95 -17.36
N VAL B 76 -4.69 1.58 -18.14
CA VAL B 76 -3.92 2.78 -17.69
C VAL B 76 -4.91 3.90 -17.35
N ASP B 77 -5.85 4.16 -18.26
CA ASP B 77 -6.94 5.19 -18.09
C ASP B 77 -7.77 4.98 -16.82
N TYR B 78 -8.11 3.73 -16.54
CA TYR B 78 -8.86 3.35 -15.33
C TYR B 78 -8.01 3.66 -14.08
N GLY B 79 -6.71 3.27 -14.13
CA GLY B 79 -5.75 3.50 -13.02
C GLY B 79 -5.54 4.99 -12.74
N ILE B 80 -5.25 5.76 -13.78
CA ILE B 80 -5.05 7.23 -13.72
C ILE B 80 -6.36 7.92 -13.25
N GLY B 81 -7.51 7.44 -13.75
CA GLY B 81 -8.85 7.93 -13.37
C GLY B 81 -9.09 7.80 -11.86
N PHE B 82 -8.66 6.67 -11.27
CA PHE B 82 -8.78 6.43 -9.80
C PHE B 82 -7.89 7.43 -9.01
N ILE B 83 -6.63 7.58 -9.45
CA ILE B 83 -5.64 8.54 -8.84
C ILE B 83 -6.17 10.01 -8.87
N ALA B 84 -6.89 10.37 -9.94
CA ALA B 84 -7.51 11.69 -10.12
C ALA B 84 -8.78 11.91 -9.24
N GLU B 85 -9.31 10.88 -8.55
CA GLU B 85 -10.48 11.02 -7.65
C GLU B 85 -10.14 11.87 -6.42
N ARG B 86 -11.20 12.36 -5.76
CA ARG B 86 -11.10 13.17 -4.53
C ARG B 86 -10.48 12.26 -3.44
N ARG B 87 -9.50 12.78 -2.69
CA ARG B 87 -8.80 12.06 -1.57
C ARG B 87 -9.66 11.08 -0.73
N GLU B 88 -10.81 11.60 -0.32
CA GLU B 88 -11.79 10.93 0.52
C GLU B 88 -12.36 9.66 -0.16
N PHE B 89 -12.51 9.69 -1.50
CA PHE B 89 -12.94 8.55 -2.33
C PHE B 89 -11.86 7.45 -2.24
N ILE B 90 -10.60 7.87 -2.49
CA ILE B 90 -9.40 6.96 -2.47
C ILE B 90 -9.22 6.30 -1.07
N GLU B 91 -9.37 7.11 -0.02
CA GLU B 91 -9.29 6.60 1.37
C GLU B 91 -10.42 5.66 1.75
N PHE B 92 -11.64 5.96 1.26
CA PHE B 92 -12.82 5.12 1.50
C PHE B 92 -12.55 3.72 0.88
N MSE B 93 -12.12 3.71 -0.38
CA MSE B 93 -11.84 2.45 -1.12
C MSE B 93 -10.75 1.63 -0.41
O MSE B 93 -10.91 0.41 -0.31
CB MSE B 93 -11.48 2.65 -2.63
CG MSE B 93 -12.17 1.54 -3.48
SE MSE B 93 -14.05 2.17 -3.55
CE MSE B 93 -15.08 0.55 -3.64
N MSE B 94 -9.72 2.30 0.14
CA MSE B 94 -8.64 1.61 0.89
C MSE B 94 -9.16 1.03 2.21
O MSE B 94 -8.79 -0.12 2.52
CB MSE B 94 -7.40 2.46 1.06
CG MSE B 94 -6.59 2.49 -0.23
SE MSE B 94 -5.27 3.74 0.01
CE MSE B 94 -4.32 3.17 1.87
N TYR B 95 -9.97 1.77 2.94
CA TYR B 95 -10.61 1.27 4.19
C TYR B 95 -11.60 0.11 3.83
N ALA B 96 -12.32 0.22 2.70
CA ALA B 96 -13.25 -0.81 2.20
C ALA B 96 -12.54 -2.17 2.03
N LEU B 97 -11.30 -2.17 1.50
CA LEU B 97 -10.43 -3.39 1.33
C LEU B 97 -10.18 -4.09 2.67
N SER B 98 -9.99 -3.31 3.74
CA SER B 98 -9.79 -3.87 5.11
C SER B 98 -11.11 -4.50 5.68
N GLN B 99 -12.28 -4.03 5.25
CA GLN B 99 -13.62 -4.56 5.68
C GLN B 99 -14.16 -5.76 4.84
N VAL B 100 -13.32 -6.43 4.01
CA VAL B 100 -13.69 -7.61 3.18
C VAL B 100 -12.84 -8.83 3.63
N ARG B 101 -13.37 -10.04 3.43
CA ARG B 101 -12.64 -11.31 3.77
C ARG B 101 -11.44 -11.47 2.80
N ILE B 102 -10.30 -11.98 3.28
CA ILE B 102 -9.04 -12.19 2.47
C ILE B 102 -9.34 -13.02 1.18
N GLU B 103 -10.17 -14.08 1.29
CA GLU B 103 -10.61 -14.96 0.17
C GLU B 103 -11.38 -14.17 -0.90
N GLU B 104 -12.30 -13.30 -0.47
CA GLU B 104 -13.11 -12.41 -1.34
C GLU B 104 -12.17 -11.35 -2.07
N LEU B 105 -11.16 -10.85 -1.34
CA LEU B 105 -10.14 -9.89 -1.85
C LEU B 105 -9.25 -10.61 -2.91
N GLU B 106 -8.84 -11.87 -2.63
CA GLU B 106 -8.06 -12.73 -3.56
C GLU B 106 -8.84 -13.02 -4.84
N ARG B 107 -10.16 -13.31 -4.70
CA ARG B 107 -11.11 -13.61 -5.82
C ARG B 107 -11.15 -12.43 -6.80
N MSE B 108 -11.43 -11.24 -6.28
CA MSE B 108 -11.49 -9.97 -7.04
C MSE B 108 -10.21 -9.63 -7.79
O MSE B 108 -10.29 -9.25 -8.97
CB MSE B 108 -11.89 -8.79 -6.15
CG MSE B 108 -13.35 -8.83 -5.70
SE MSE B 108 -13.77 -7.36 -4.45
CE MSE B 108 -13.10 -5.72 -5.47
N PHE B 109 -9.07 -9.79 -7.09
CA PHE B 109 -7.74 -9.55 -7.69
C PHE B 109 -7.50 -10.53 -8.87
N GLY B 110 -7.86 -11.81 -8.67
CA GLY B 110 -7.74 -12.88 -9.70
C GLY B 110 -8.56 -12.61 -10.94
N GLU B 111 -9.81 -12.16 -10.73
CA GLU B 111 -10.75 -11.77 -11.81
C GLU B 111 -10.21 -10.55 -12.58
N ALA B 112 -9.64 -9.57 -11.87
CA ALA B 112 -9.05 -8.34 -12.47
C ALA B 112 -7.76 -8.67 -13.25
N LEU B 113 -6.86 -9.44 -12.62
CA LEU B 113 -5.58 -9.91 -13.23
C LEU B 113 -5.82 -10.80 -14.46
N GLU B 114 -6.87 -11.65 -14.45
CA GLU B 114 -7.25 -12.52 -15.60
C GLU B 114 -7.60 -11.65 -16.84
N LYS B 115 -8.37 -10.56 -16.60
CA LYS B 115 -8.74 -9.59 -17.66
C LYS B 115 -7.52 -8.79 -18.17
N VAL B 116 -6.66 -8.33 -17.25
CA VAL B 116 -5.46 -7.52 -17.57
C VAL B 116 -4.41 -8.37 -18.29
N ALA B 117 -4.10 -9.55 -17.75
CA ALA B 117 -3.12 -10.50 -18.38
C ALA B 117 -3.56 -10.96 -19.79
N SER B 118 -4.88 -11.10 -20.00
CA SER B 118 -5.53 -11.46 -21.29
C SER B 118 -5.22 -10.34 -22.33
N LEU B 119 -5.32 -9.05 -21.92
CA LEU B 119 -4.99 -7.88 -22.79
C LEU B 119 -3.48 -7.91 -23.21
N PHE B 120 -2.60 -8.51 -22.37
CA PHE B 120 -1.17 -8.72 -22.64
C PHE B 120 -0.88 -10.10 -23.32
N GLU B 121 -1.90 -10.85 -23.81
CA GLU B 121 -1.72 -12.19 -24.50
C GLU B 121 -0.81 -11.93 -25.71
N GLY B 122 0.27 -12.71 -25.79
CA GLY B 122 1.31 -12.57 -26.83
C GLY B 122 2.60 -11.99 -26.23
N CYS B 123 2.54 -11.23 -25.12
CA CYS B 123 3.75 -10.66 -24.44
C CYS B 123 4.62 -11.80 -23.80
N ARG B 124 5.88 -11.48 -23.44
CA ARG B 124 6.84 -12.47 -22.80
C ARG B 124 6.27 -13.21 -21.55
N HIS B 125 5.78 -12.45 -20.56
CA HIS B 125 5.17 -12.93 -19.29
C HIS B 125 3.87 -12.10 -19.07
N PRO B 126 2.73 -12.50 -19.72
CA PRO B 126 1.43 -11.73 -19.61
C PRO B 126 0.91 -11.48 -18.18
N ARG B 127 0.99 -12.51 -17.35
CA ARG B 127 0.57 -12.45 -15.93
C ARG B 127 1.48 -11.52 -15.08
N GLU B 128 2.79 -11.66 -15.24
CA GLU B 128 3.80 -10.88 -14.49
C GLU B 128 3.80 -9.37 -14.92
N THR B 129 3.63 -9.09 -16.22
CA THR B 129 3.54 -7.70 -16.76
C THR B 129 2.27 -7.02 -16.22
N ALA B 130 1.14 -7.75 -16.28
CA ALA B 130 -0.18 -7.32 -15.78
C ALA B 130 -0.08 -6.93 -14.31
N ILE B 131 0.57 -7.80 -13.50
CA ILE B 131 0.77 -7.57 -12.05
C ILE B 131 1.71 -6.33 -11.85
N ALA B 132 2.81 -6.21 -12.63
CA ALA B 132 3.73 -5.05 -12.54
C ALA B 132 2.99 -3.70 -12.83
N LEU B 133 2.13 -3.68 -13.87
CA LEU B 133 1.33 -2.47 -14.25
C LEU B 133 0.36 -2.09 -13.12
N MSE B 134 -0.41 -3.07 -12.65
CA MSE B 134 -1.38 -2.89 -11.55
C MSE B 134 -0.71 -2.40 -10.23
O MSE B 134 -1.25 -1.52 -9.54
CB MSE B 134 -2.19 -4.18 -11.30
CG MSE B 134 -3.10 -4.61 -12.46
SE MSE B 134 -3.83 -6.43 -12.16
CE MSE B 134 -5.08 -6.01 -10.77
N ALA B 135 0.47 -2.98 -9.93
CA ALA B 135 1.32 -2.63 -8.76
C ALA B 135 1.73 -1.16 -8.81
N MSE B 136 2.13 -0.68 -10.00
CA MSE B 136 2.52 0.71 -10.23
C MSE B 136 1.32 1.65 -10.06
O MSE B 136 1.47 2.67 -9.38
CB MSE B 136 3.15 0.89 -11.61
CG MSE B 136 3.74 2.24 -11.84
SE MSE B 136 4.70 2.31 -13.43
CE MSE B 136 3.21 2.19 -14.60
N LEU B 137 0.19 1.33 -10.70
CA LEU B 137 -1.02 2.16 -10.62
C LEU B 137 -1.53 2.24 -9.14
N ASP B 138 -1.56 1.09 -8.43
CA ASP B 138 -1.94 1.03 -6.99
C ASP B 138 -0.97 1.81 -6.10
N GLY B 139 0.33 1.64 -6.36
CA GLY B 139 1.39 2.33 -5.64
C GLY B 139 1.25 3.85 -5.76
N LEU B 140 1.03 4.34 -7.00
CA LEU B 140 0.83 5.79 -7.26
C LEU B 140 -0.43 6.33 -6.52
N SER B 141 -1.50 5.55 -6.40
CA SER B 141 -2.73 5.97 -5.68
C SER B 141 -2.45 6.10 -4.16
N ILE B 142 -1.61 5.21 -3.59
CA ILE B 142 -1.21 5.26 -2.16
C ILE B 142 -0.35 6.54 -2.01
N TYR B 143 0.67 6.69 -2.84
CA TYR B 143 1.55 7.89 -2.88
C TYR B 143 0.83 9.22 -2.99
N SER B 144 -0.26 9.26 -3.76
CA SER B 144 -1.09 10.51 -3.93
C SER B 144 -1.68 10.99 -2.61
N LEU B 145 -1.94 10.07 -1.68
CA LEU B 145 -2.42 10.42 -0.34
C LEU B 145 -1.32 11.10 0.53
N TYR B 146 -0.03 11.04 0.17
CA TYR B 146 1.08 11.65 0.95
C TYR B 146 1.84 12.81 0.27
N PHE B 147 1.93 12.82 -1.07
CA PHE B 147 2.68 13.85 -1.85
C PHE B 147 1.82 14.36 -3.04
N ASP B 148 2.16 15.56 -3.53
CA ASP B 148 1.52 16.18 -4.70
C ASP B 148 2.39 15.55 -5.80
N LEU B 149 1.88 14.49 -6.45
CA LEU B 149 2.59 13.77 -7.55
C LEU B 149 3.01 14.61 -8.77
N GLY B 150 2.23 15.67 -9.05
CA GLY B 150 2.43 16.61 -10.14
C GLY B 150 1.33 16.47 -11.18
N LYS B 151 1.69 16.68 -12.45
CA LYS B 151 0.75 16.59 -13.57
C LYS B 151 0.45 15.08 -13.83
N LEU B 152 -0.78 14.62 -13.51
CA LEU B 152 -1.21 13.20 -13.71
C LEU B 152 -1.04 12.73 -15.18
N GLU B 153 -1.15 13.63 -16.17
CA GLU B 153 -0.96 13.25 -17.61
C GLU B 153 0.51 12.80 -17.88
N LYS B 154 1.48 13.25 -17.05
CA LYS B 154 2.89 12.80 -17.15
C LYS B 154 2.96 11.32 -16.75
N TYR B 155 2.19 10.91 -15.72
CA TYR B 155 2.13 9.49 -15.28
C TYR B 155 1.42 8.63 -16.35
N ARG B 156 0.37 9.18 -16.96
CA ARG B 156 -0.39 8.52 -18.05
C ARG B 156 0.54 8.24 -19.25
N GLU B 157 1.38 9.22 -19.61
CA GLU B 157 2.37 9.11 -20.70
C GLU B 157 3.42 8.02 -20.38
N ILE B 158 3.99 8.05 -19.16
CA ILE B 158 4.99 7.05 -18.69
C ILE B 158 4.37 5.63 -18.75
N ALA B 159 3.16 5.49 -18.19
CA ALA B 159 2.40 4.22 -18.16
C ALA B 159 2.13 3.68 -19.58
N MSE B 160 1.80 4.58 -20.53
CA MSE B 160 1.58 4.22 -21.95
C MSE B 160 2.94 3.87 -22.62
O MSE B 160 2.96 2.96 -23.43
CB MSE B 160 0.84 5.30 -22.77
CG MSE B 160 -0.63 5.71 -22.39
SE MSE B 160 -2.08 4.51 -22.67
CE MSE B 160 -3.54 5.53 -22.23
N GLU B 161 4.03 4.59 -22.31
CA GLU B 161 5.39 4.28 -22.86
C GLU B 161 5.92 2.91 -22.34
N PHE B 162 5.51 2.53 -21.11
CA PHE B 162 5.81 1.22 -20.53
C PHE B 162 4.96 0.17 -21.32
N VAL B 163 3.63 0.38 -21.31
CA VAL B 163 2.58 -0.49 -21.95
C VAL B 163 2.76 -0.96 -23.42
N GLU B 164 3.33 -0.13 -24.28
CA GLU B 164 3.52 -0.45 -25.73
C GLU B 164 4.99 -0.40 -26.16
N SER B 165 5.74 -1.30 -25.51
CA SER B 165 7.18 -1.55 -25.70
C SER B 165 7.36 -2.98 -26.21
O1 PE8 C . 8.38 5.39 1.77
C2 PE8 C . 9.64 4.74 1.96
C3 PE8 C . 10.72 5.48 1.17
O4 PE8 C . 12.03 5.01 1.49
C5 PE8 C . 12.42 3.72 0.97
C6 PE8 C . 13.74 3.78 0.19
O7 PE8 C . 13.79 2.76 -0.83
C8 PE8 C . 13.21 3.13 -2.10
C9 PE8 C . 13.20 2.00 -3.15
O10 PE8 C . 13.00 0.70 -2.55
C11 PE8 C . 11.65 0.32 -2.22
C12 PE8 C . 11.53 -0.82 -1.21
O13 PE8 C . 12.22 -0.45 0.02
C14 PE8 C . 11.60 -0.76 1.28
C15 PE8 C . 10.58 0.31 1.68
O16 PE8 C . 9.78 -0.21 2.74
C17 PE8 C . 8.45 0.35 2.86
C18 PE8 C . 7.43 -0.28 1.89
O19 PE8 C . 6.73 0.67 1.06
C20 PE8 C . 5.34 0.95 1.35
C21 PE8 C . 4.69 1.94 0.36
O22 PE8 C . 4.03 3.09 0.96
C23 PE8 C . 4.79 4.31 1.10
C24 PE8 C . 3.91 5.48 1.58
O25 PE8 C . 3.18 5.10 2.76
O1 PE8 D . -8.88 -3.10 -10.06
C2 PE8 D . -8.21 -2.60 -11.22
C3 PE8 D . -6.71 -2.37 -10.97
O4 PE8 D . -6.27 -1.17 -11.62
C5 PE8 D . -5.77 -0.09 -10.80
C6 PE8 D . -6.86 0.64 -10.00
O7 PE8 D . -7.01 0.11 -8.67
C8 PE8 D . -8.06 0.67 -7.85
C9 PE8 D . -8.60 -0.37 -6.86
O10 PE8 D . -8.82 0.16 -5.53
C11 PE8 D . -7.96 -0.30 -4.47
C12 PE8 D . -6.56 0.32 -4.64
O13 PE8 D . -5.92 0.52 -3.37
C14 PE8 D . -4.53 0.13 -3.29
C15 PE8 D . -4.41 -1.38 -3.17
O16 PE8 D . -3.22 -1.81 -2.50
C17 PE8 D . -2.98 -3.25 -2.51
C18 PE8 D . -3.83 -4.13 -1.57
O19 PE8 D . -3.96 -5.47 -2.10
C20 PE8 D . -5.19 -5.85 -2.78
C21 PE8 D . -5.43 -5.16 -4.14
O22 PE8 D . -6.72 -5.49 -4.70
C23 PE8 D . -7.12 -4.74 -5.87
C24 PE8 D . -8.62 -4.90 -6.12
O25 PE8 D . -9.04 -4.06 -7.21
#